data_7OKG
#
_entry.id   7OKG
#
_cell.length_a   67.239
_cell.length_b   67.239
_cell.length_c   165.467
_cell.angle_alpha   90.000
_cell.angle_beta   90.000
_cell.angle_gamma   120.000
#
_symmetry.space_group_name_H-M   'P 61 2 2'
#
loop_
_entity.id
_entity.type
_entity.pdbx_description
1 polymer 'B-cell lymphoma 6 protein'
2 polymer ALA-TRP-VAL-ILE-PRO-ALA
3 non-polymer 2-chloranyl-4-[[4-(1-methylpyrazol-4-yl)-2-oxidanylidene-1H-quinolin-6-yl]amino]pyridine-3-carbonitrile
4 non-polymer 1,2-ETHANEDIOL
5 non-polymer 'CHLORIDE ION'
6 water water
#
loop_
_entity_poly.entity_id
_entity_poly.type
_entity_poly.pdbx_seq_one_letter_code
_entity_poly.pdbx_strand_id
1 'polypeptide(L)'
;GPGADSCIQFTRHASDVLLNLNRLRSRDILTDVVIVVSREQFRAHKTVLMACSGLFYSIFTDQLKCNLSVINLDPEINPE
GFCILLDFMYTSRLNLREGNIMAVMATAMYLQMEHVVDTCRKFIKASE
;
A
2 'polypeptide(L)' AWVIPA B
#
# COMPACT_ATOMS: atom_id res chain seq x y z
N ALA A 4 17.01 -22.22 -11.11
CA ALA A 4 17.92 -23.17 -10.50
C ALA A 4 17.89 -23.08 -8.99
N ASP A 5 18.64 -23.97 -8.36
CA ASP A 5 18.80 -24.01 -6.91
C ASP A 5 20.21 -23.52 -6.53
N SER A 6 20.96 -23.05 -7.51
CA SER A 6 22.32 -22.58 -7.26
C SER A 6 22.44 -21.06 -7.27
N CYS A 7 21.32 -20.38 -7.04
N CYS A 7 21.34 -20.36 -7.06
CA CYS A 7 21.35 -18.93 -7.04
CA CYS A 7 21.39 -18.92 -7.05
C CYS A 7 22.06 -18.36 -5.79
C CYS A 7 21.94 -18.30 -5.75
N ILE A 8 22.57 -17.13 -5.92
CA ILE A 8 23.02 -16.31 -4.78
C ILE A 8 21.92 -15.21 -4.69
N GLN A 9 21.83 -14.51 -3.55
CA GLN A 9 20.76 -13.54 -3.33
C GLN A 9 21.32 -12.25 -2.79
N PHE A 10 20.82 -11.10 -3.26
CA PHE A 10 21.25 -9.81 -2.76
C PHE A 10 20.20 -9.40 -1.73
N THR A 11 20.61 -9.41 -0.47
N THR A 11 20.59 -9.43 -0.46
CA THR A 11 19.71 -9.17 0.64
CA THR A 11 19.69 -9.19 0.68
C THR A 11 18.88 -7.90 0.52
C THR A 11 18.93 -7.86 0.69
N ARG A 12 19.52 -6.80 0.16
CA ARG A 12 18.83 -5.50 0.13
C ARG A 12 18.06 -5.25 -1.14
N HIS A 13 18.06 -6.17 -2.10
CA HIS A 13 17.42 -5.88 -3.38
C HIS A 13 15.96 -5.48 -3.28
N ALA A 14 15.12 -6.25 -2.58
CA ALA A 14 13.70 -5.93 -2.54
C ALA A 14 13.44 -4.58 -1.90
N SER A 15 14.13 -4.25 -0.80
N SER A 15 14.15 -4.27 -0.83
N SER A 15 14.15 -4.27 -0.81
CA SER A 15 13.93 -2.94 -0.17
CA SER A 15 14.02 -2.99 -0.15
CA SER A 15 13.99 -2.97 -0.16
C SER A 15 14.45 -1.81 -1.06
C SER A 15 14.45 -1.85 -1.06
C SER A 15 14.44 -1.84 -1.08
N ASP A 16 15.52 -2.06 -1.84
CA ASP A 16 16.02 -1.05 -2.77
C ASP A 16 15.02 -0.83 -3.92
N VAL A 17 14.39 -1.92 -4.41
CA VAL A 17 13.35 -1.75 -5.44
C VAL A 17 12.21 -0.91 -4.91
N LEU A 18 11.76 -1.21 -3.69
CA LEU A 18 10.63 -0.48 -3.14
C LEU A 18 10.97 1.00 -2.93
N LEU A 19 12.21 1.29 -2.50
N LEU A 19 12.23 1.29 -2.49
CA LEU A 19 12.63 2.68 -2.35
CA LEU A 19 12.73 2.66 -2.33
C LEU A 19 12.57 3.41 -3.70
C LEU A 19 12.65 3.41 -3.67
N ASN A 20 13.04 2.75 -4.76
CA ASN A 20 12.98 3.38 -6.07
C ASN A 20 11.56 3.53 -6.56
N LEU A 21 10.68 2.56 -6.28
CA LEU A 21 9.25 2.74 -6.67
C LEU A 21 8.65 3.94 -5.92
N ASN A 22 9.01 4.13 -4.65
CA ASN A 22 8.46 5.28 -3.92
C ASN A 22 9.05 6.58 -4.47
N ARG A 23 10.32 6.58 -4.91
CA ARG A 23 10.89 7.79 -5.52
C ARG A 23 10.17 8.10 -6.83
N LEU A 24 9.84 7.05 -7.64
CA LEU A 24 9.06 7.30 -8.86
C LEU A 24 7.70 7.89 -8.51
N ARG A 25 7.03 7.36 -7.46
CA ARG A 25 5.75 7.91 -7.06
C ARG A 25 5.87 9.36 -6.64
N SER A 26 6.88 9.71 -5.85
N SER A 26 6.89 9.71 -5.85
N SER A 26 6.92 9.70 -5.86
CA SER A 26 7.04 11.10 -5.39
CA SER A 26 7.13 11.07 -5.37
CA SER A 26 7.15 11.08 -5.36
C SER A 26 7.21 12.05 -6.56
C SER A 26 7.24 12.05 -6.55
C SER A 26 7.45 12.08 -6.47
N ARG A 27 7.92 11.60 -7.61
CA ARG A 27 8.17 12.41 -8.79
C ARG A 27 7.09 12.28 -9.87
N ASP A 28 6.05 11.48 -9.60
CA ASP A 28 4.95 11.26 -10.52
C ASP A 28 5.42 10.62 -11.84
N ILE A 29 6.39 9.71 -11.74
CA ILE A 29 6.94 9.05 -12.91
C ILE A 29 6.25 7.72 -13.13
N LEU A 30 5.65 7.53 -14.30
N LEU A 30 5.62 7.59 -14.30
CA LEU A 30 4.98 6.29 -14.69
CA LEU A 30 4.88 6.43 -14.79
C LEU A 30 3.76 5.94 -13.84
C LEU A 30 3.75 5.98 -13.88
N THR A 31 3.24 6.90 -13.06
CA THR A 31 2.00 6.66 -12.30
C THR A 31 0.87 6.53 -13.33
N ASP A 32 -0.01 5.56 -13.10
CA ASP A 32 -1.03 5.22 -14.08
C ASP A 32 -2.43 5.16 -13.53
N VAL A 33 -2.64 5.61 -12.30
CA VAL A 33 -3.97 5.65 -11.74
C VAL A 33 -4.06 6.72 -10.69
N VAL A 34 -5.23 7.31 -10.57
CA VAL A 34 -5.52 8.24 -9.49
C VAL A 34 -6.59 7.57 -8.63
N ILE A 35 -6.35 7.45 -7.34
CA ILE A 35 -7.31 6.92 -6.38
C ILE A 35 -7.97 8.12 -5.72
N VAL A 36 -9.30 8.22 -5.82
CA VAL A 36 -10.04 9.34 -5.25
C VAL A 36 -10.74 8.89 -3.99
N VAL A 37 -10.49 9.61 -2.90
CA VAL A 37 -11.04 9.29 -1.58
C VAL A 37 -11.70 10.56 -1.10
N SER A 38 -12.98 10.68 -1.44
N SER A 38 -13.00 10.69 -1.36
CA SER A 38 -13.76 11.85 -1.14
CA SER A 38 -13.77 11.86 -0.94
C SER A 38 -13.15 13.03 -1.87
C SER A 38 -13.14 13.17 -1.37
N ARG A 39 -12.74 14.06 -1.15
N ARG A 39 -12.84 13.28 -2.65
CA ARG A 39 -12.16 15.20 -1.84
CA ARG A 39 -12.22 14.48 -3.25
C ARG A 39 -10.68 15.08 -2.22
C ARG A 39 -10.74 14.75 -2.89
N GLU A 40 -10.04 13.97 -1.83
N GLU A 40 -10.09 13.77 -2.29
CA GLU A 40 -8.61 13.83 -2.06
CA GLU A 40 -8.65 13.81 -2.07
C GLU A 40 -8.20 12.84 -3.15
C GLU A 40 -8.16 12.82 -3.13
N GLN A 41 -7.14 13.20 -3.87
CA GLN A 41 -6.63 12.38 -4.97
C GLN A 41 -5.24 11.90 -4.66
N PHE A 42 -4.95 10.64 -5.00
CA PHE A 42 -3.64 10.04 -4.76
C PHE A 42 -3.18 9.36 -6.03
N ARG A 43 -2.04 9.77 -6.58
CA ARG A 43 -1.49 9.12 -7.76
C ARG A 43 -0.63 7.92 -7.36
N ALA A 44 -0.73 6.83 -8.12
CA ALA A 44 0.02 5.62 -7.76
C ALA A 44 0.24 4.75 -8.98
N HIS A 45 0.97 3.64 -8.79
CA HIS A 45 1.19 2.66 -9.82
C HIS A 45 0.28 1.50 -9.53
N LYS A 46 -0.53 1.08 -10.52
CA LYS A 46 -1.45 -0.04 -10.33
C LYS A 46 -0.78 -1.29 -9.85
N THR A 47 0.42 -1.59 -10.35
CA THR A 47 1.09 -2.83 -9.95
C THR A 47 1.46 -2.84 -8.48
N VAL A 48 1.89 -1.68 -7.91
CA VAL A 48 2.21 -1.65 -6.49
C VAL A 48 0.95 -1.80 -5.67
N LEU A 49 -0.15 -1.13 -6.10
CA LEU A 49 -1.42 -1.25 -5.37
C LEU A 49 -1.89 -2.71 -5.34
N MET A 50 -1.86 -3.40 -6.48
CA MET A 50 -2.27 -4.80 -6.56
C MET A 50 -1.38 -5.69 -5.70
N ALA A 51 -0.08 -5.41 -5.70
CA ALA A 51 0.85 -6.23 -4.95
C ALA A 51 0.65 -6.12 -3.45
N CYS A 52 -0.06 -5.08 -2.98
CA CYS A 52 -0.24 -4.81 -1.55
C CYS A 52 -1.64 -4.94 -1.04
N SER A 53 -2.64 -5.11 -1.90
CA SER A 53 -4.03 -5.00 -1.45
C SER A 53 -4.89 -6.00 -2.18
N GLY A 54 -5.68 -6.77 -1.43
CA GLY A 54 -6.61 -7.71 -2.06
C GLY A 54 -7.66 -7.00 -2.89
N LEU A 55 -8.10 -5.81 -2.42
CA LEU A 55 -9.10 -5.06 -3.18
C LEU A 55 -8.53 -4.59 -4.52
N PHE A 56 -7.34 -3.98 -4.52
CA PHE A 56 -6.76 -3.51 -5.77
C PHE A 56 -6.36 -4.67 -6.66
N TYR A 57 -5.95 -5.81 -6.09
CA TYR A 57 -5.66 -7.01 -6.92
C TYR A 57 -6.93 -7.43 -7.67
N SER A 58 -8.07 -7.45 -6.99
N SER A 58 -8.09 -7.42 -6.99
CA SER A 58 -9.32 -7.79 -7.65
CA SER A 58 -9.37 -7.75 -7.60
C SER A 58 -9.67 -6.75 -8.72
C SER A 58 -9.83 -6.73 -8.63
N ILE A 59 -9.58 -5.45 -8.38
CA ILE A 59 -9.95 -4.39 -9.34
C ILE A 59 -9.12 -4.43 -10.60
N PHE A 60 -7.78 -4.48 -10.47
CA PHE A 60 -6.95 -4.35 -11.64
C PHE A 60 -6.73 -5.65 -12.41
N THR A 61 -7.25 -6.79 -11.91
CA THR A 61 -7.28 -8.01 -12.71
C THR A 61 -8.66 -8.15 -13.40
N ASP A 62 -9.62 -7.25 -13.15
CA ASP A 62 -10.90 -7.30 -13.84
C ASP A 62 -10.67 -6.77 -15.26
N GLN A 63 -11.27 -7.43 -16.26
CA GLN A 63 -11.07 -7.08 -17.66
C GLN A 63 -11.56 -5.69 -18.07
N LEU A 64 -12.51 -5.09 -17.34
CA LEU A 64 -12.91 -3.71 -17.60
C LEU A 64 -12.16 -2.73 -16.72
N LYS A 65 -12.10 -2.99 -15.38
CA LYS A 65 -11.51 -2.03 -14.46
C LYS A 65 -10.02 -1.89 -14.60
N CYS A 66 -9.33 -2.89 -15.17
CA CYS A 66 -7.89 -2.78 -15.39
C CYS A 66 -7.53 -1.58 -16.26
N ASN A 67 -8.45 -1.10 -17.10
CA ASN A 67 -8.18 0.02 -17.99
C ASN A 67 -8.57 1.39 -17.48
N LEU A 68 -9.16 1.46 -16.28
CA LEU A 68 -9.57 2.74 -15.74
C LEU A 68 -8.37 3.51 -15.23
N SER A 69 -8.39 4.83 -15.42
CA SER A 69 -7.33 5.73 -14.96
CA SER A 69 -7.30 5.68 -14.92
C SER A 69 -7.68 6.37 -13.61
N VAL A 70 -8.92 6.24 -13.17
CA VAL A 70 -9.42 6.81 -11.92
C VAL A 70 -10.24 5.75 -11.22
N ILE A 71 -10.01 5.56 -9.91
CA ILE A 71 -10.81 4.64 -9.11
C ILE A 71 -11.33 5.43 -7.94
N ASN A 72 -12.65 5.42 -7.73
CA ASN A 72 -13.26 6.14 -6.63
C ASN A 72 -13.55 5.19 -5.48
N LEU A 73 -12.99 5.45 -4.30
CA LEU A 73 -13.26 4.59 -3.16
C LEU A 73 -14.58 4.95 -2.49
N ASP A 74 -15.08 4.02 -1.65
CA ASP A 74 -16.32 4.24 -0.91
C ASP A 74 -16.22 5.55 -0.10
N PRO A 75 -17.30 6.36 -0.05
CA PRO A 75 -17.23 7.64 0.68
C PRO A 75 -16.97 7.52 2.17
N GLU A 76 -17.15 6.34 2.75
CA GLU A 76 -16.86 6.17 4.18
C GLU A 76 -15.36 6.06 4.46
N ILE A 77 -14.52 5.90 3.42
CA ILE A 77 -13.09 5.76 3.64
C ILE A 77 -12.46 7.07 3.96
N ASN A 78 -11.66 7.08 5.01
CA ASN A 78 -10.96 8.27 5.48
C ASN A 78 -9.72 8.55 4.64
N PRO A 79 -9.57 9.77 4.08
CA PRO A 79 -8.39 10.05 3.23
C PRO A 79 -7.07 9.92 3.96
N GLU A 80 -6.98 10.37 5.22
CA GLU A 80 -5.72 10.23 5.96
C GLU A 80 -5.38 8.75 6.19
N GLY A 81 -6.39 7.93 6.49
CA GLY A 81 -6.20 6.49 6.64
C GLY A 81 -5.68 5.87 5.35
N PHE A 82 -6.24 6.30 4.20
CA PHE A 82 -5.76 5.79 2.92
C PHE A 82 -4.33 6.27 2.68
N CYS A 83 -4.01 7.52 2.96
CA CYS A 83 -2.67 8.06 2.77
C CYS A 83 -1.64 7.27 3.56
N ILE A 84 -1.97 6.96 4.82
CA ILE A 84 -1.07 6.20 5.68
C ILE A 84 -0.83 4.80 5.09
N LEU A 85 -1.89 4.17 4.58
CA LEU A 85 -1.71 2.84 4.00
C LEU A 85 -0.98 2.88 2.67
N LEU A 86 -1.20 3.93 1.85
CA LEU A 86 -0.47 4.04 0.58
C LEU A 86 1.03 4.23 0.88
N ASP A 87 1.35 5.01 1.91
CA ASP A 87 2.76 5.18 2.29
C ASP A 87 3.34 3.86 2.78
N PHE A 88 2.56 3.08 3.54
CA PHE A 88 3.03 1.75 3.97
C PHE A 88 3.29 0.86 2.74
N MET A 89 2.36 0.87 1.75
CA MET A 89 2.58 0.04 0.55
C MET A 89 3.95 0.29 -0.09
N TYR A 90 4.34 1.57 -0.13
CA TYR A 90 5.56 1.98 -0.81
C TYR A 90 6.78 2.04 0.05
N THR A 91 6.67 1.77 1.37
CA THR A 91 7.83 1.88 2.27
C THR A 91 8.00 0.81 3.30
N SER A 92 6.96 0.00 3.54
N SER A 92 6.96 0.01 3.54
CA SER A 92 6.92 -1.01 4.63
CA SER A 92 6.90 -1.00 4.61
C SER A 92 6.72 -0.36 6.00
C SER A 92 6.70 -0.37 6.00
N ARG A 93 6.59 0.96 6.08
CA ARG A 93 6.45 1.65 7.37
C ARG A 93 5.04 2.17 7.55
N LEU A 94 4.47 1.88 8.71
CA LEU A 94 3.10 2.23 9.02
C LEU A 94 3.07 3.26 10.13
N ASN A 95 2.54 4.45 9.86
CA ASN A 95 2.47 5.49 10.87
C ASN A 95 1.20 5.32 11.70
N LEU A 96 1.23 4.38 12.63
CA LEU A 96 0.09 4.07 13.46
C LEU A 96 0.13 4.87 14.74
N ARG A 97 -0.92 5.64 15.01
CA ARG A 97 -1.01 6.50 16.19
C ARG A 97 -2.37 6.35 16.84
N GLU A 98 -2.50 6.75 18.12
CA GLU A 98 -3.79 6.66 18.81
C GLU A 98 -4.90 7.39 18.03
N GLY A 99 -4.56 8.53 17.44
CA GLY A 99 -5.53 9.35 16.74
C GLY A 99 -5.93 8.85 15.38
N ASN A 100 -5.19 7.88 14.81
CA ASN A 100 -5.52 7.39 13.47
C ASN A 100 -5.80 5.90 13.40
N ILE A 101 -5.60 5.15 14.49
CA ILE A 101 -5.68 3.68 14.40
C ILE A 101 -7.04 3.17 13.95
N MET A 102 -8.14 3.77 14.42
CA MET A 102 -9.44 3.27 13.98
C MET A 102 -9.65 3.46 12.49
N ALA A 103 -9.23 4.61 11.98
CA ALA A 103 -9.36 4.88 10.54
C ALA A 103 -8.42 3.99 9.74
N VAL A 104 -7.19 3.79 10.23
CA VAL A 104 -6.25 2.91 9.52
C VAL A 104 -6.79 1.47 9.48
N MET A 105 -7.32 0.97 10.62
CA MET A 105 -7.83 -0.40 10.63
C MET A 105 -9.02 -0.55 9.69
N ALA A 106 -9.96 0.41 9.71
CA ALA A 106 -11.13 0.33 8.82
C ALA A 106 -10.70 0.37 7.36
N THR A 107 -9.71 1.21 7.05
CA THR A 107 -9.24 1.32 5.68
C THR A 107 -8.54 0.02 5.26
N ALA A 108 -7.74 -0.57 6.15
CA ALA A 108 -7.03 -1.81 5.84
C ALA A 108 -8.00 -2.97 5.66
N MET A 109 -9.12 -2.99 6.39
CA MET A 109 -10.12 -4.03 6.20
C MET A 109 -10.75 -3.89 4.82
N TYR A 110 -11.06 -2.66 4.41
CA TYR A 110 -11.64 -2.40 3.09
C TYR A 110 -10.65 -2.74 1.98
N LEU A 111 -9.39 -2.33 2.14
CA LEU A 111 -8.38 -2.62 1.12
C LEU A 111 -7.91 -4.07 1.12
N GLN A 112 -8.26 -4.84 2.16
CA GLN A 112 -7.85 -6.24 2.31
C GLN A 112 -6.34 -6.31 2.47
N MET A 113 -5.86 -5.80 3.61
CA MET A 113 -4.44 -5.79 3.96
C MET A 113 -4.33 -6.43 5.33
N GLU A 114 -4.29 -7.77 5.34
CA GLU A 114 -4.41 -8.55 6.55
C GLU A 114 -3.34 -8.34 7.60
N HIS A 115 -2.08 -8.07 7.23
CA HIS A 115 -1.04 -7.83 8.24
C HIS A 115 -1.26 -6.52 8.97
N VAL A 116 -1.75 -5.50 8.24
CA VAL A 116 -2.04 -4.23 8.89
C VAL A 116 -3.23 -4.39 9.81
N VAL A 117 -4.30 -5.09 9.36
CA VAL A 117 -5.47 -5.32 10.24
C VAL A 117 -5.04 -6.02 11.53
N ASP A 118 -4.12 -7.00 11.39
N ASP A 118 -4.26 -7.11 11.39
CA ASP A 118 -3.59 -7.73 12.54
CA ASP A 118 -3.80 -7.90 12.54
C ASP A 118 -2.91 -6.83 13.56
C ASP A 118 -3.01 -7.08 13.54
N THR A 119 -1.92 -6.02 13.12
N THR A 119 -2.23 -6.13 13.05
CA THR A 119 -1.23 -5.17 14.09
CA THR A 119 -1.40 -5.29 13.92
C THR A 119 -2.16 -4.10 14.67
C THR A 119 -2.26 -4.28 14.64
N CYS A 120 -3.19 -3.65 13.93
CA CYS A 120 -4.14 -2.69 14.49
C CYS A 120 -4.94 -3.35 15.62
N ARG A 121 -5.41 -4.58 15.37
N ARG A 121 -5.41 -4.59 15.37
CA ARG A 121 -6.18 -5.31 16.38
CA ARG A 121 -6.17 -5.33 16.37
C ARG A 121 -5.35 -5.54 17.64
C ARG A 121 -5.35 -5.55 17.63
N LYS A 122 -4.06 -5.85 17.47
CA LYS A 122 -3.18 -6.06 18.61
C LYS A 122 -2.94 -4.78 19.40
N PHE A 123 -2.75 -3.65 18.71
CA PHE A 123 -2.52 -2.38 19.41
C PHE A 123 -3.79 -1.94 20.15
N ILE A 124 -4.97 -2.17 19.55
CA ILE A 124 -6.22 -1.82 20.22
C ILE A 124 -6.44 -2.71 21.43
N LYS A 125 -6.19 -4.01 21.29
CA LYS A 125 -6.39 -4.94 22.41
C LYS A 125 -5.47 -4.63 23.59
N ALA A 126 -4.26 -4.14 23.30
CA ALA A 126 -3.31 -3.78 24.38
C ALA A 126 -3.80 -2.57 25.20
N SER A 127 -4.61 -1.69 24.58
N SER A 127 -4.64 -1.74 24.60
CA SER A 127 -5.16 -0.50 25.24
CA SER A 127 -5.17 -0.55 25.25
C SER A 127 -6.52 -0.74 25.93
C SER A 127 -6.45 -0.80 26.06
N GLU A 128 -7.02 -1.99 25.93
CA GLU A 128 -8.23 -2.36 26.64
C GLU A 128 -7.82 -2.92 28.01
CA ALA B 1 25.51 -7.96 0.54
C ALA B 1 24.85 -9.17 -0.13
N TRP B 2 25.66 -10.08 -0.63
CA TRP B 2 25.22 -11.28 -1.29
C TRP B 2 25.30 -12.45 -0.32
N VAL B 3 24.33 -13.35 -0.39
CA VAL B 3 24.28 -14.54 0.49
C VAL B 3 23.81 -15.79 -0.26
N ILE B 4 23.96 -16.96 0.36
CA ILE B 4 23.36 -18.20 -0.12
C ILE B 4 21.94 -18.21 0.46
N PRO B 5 20.89 -18.09 -0.35
CA PRO B 5 19.53 -18.02 0.23
C PRO B 5 19.04 -19.33 0.81
N ALA B 6 18.18 -19.23 1.84
#